data_6RKL
#
_entry.id   6RKL
#
_cell.length_a   39.248
_cell.length_b   95.542
_cell.length_c   120.014
_cell.angle_alpha   90.00
_cell.angle_beta   90.00
_cell.angle_gamma   90.00
#
_symmetry.space_group_name_H-M   'P 21 21 21'
#
loop_
_entity.id
_entity.type
_entity.pdbx_description
1 polymer 'Arabino-oligosaccharids-binding protein'
2 branched alpha-L-arabinofuranose-(1-5)-alpha-L-arabinofuranose-(1-5)-alpha-L-arabinofuranose-(1-5)-alpha-L-arabinofuranose-(1-5)-alpha-L-arabinofuranose-(1-5)-alpha-L-arabinofuranose
3 non-polymer GLYCEROL
4 non-polymer 'CALCIUM ION'
5 water water
#
_entity_poly.entity_id   1
_entity_poly.type   'polypeptide(L)'
_entity_poly.pdbx_seq_one_letter_code
;HHHHHHNGNGEKIELTFMFRGQPQEQTAYKNVVKKFEEKHPNVKVNIVVTSPDQYATKLRAAIAGRKIPDVFYFNPGELR
AYVNSNVLLDITKYVENSKGVNLQDIWEKGVNKYRFDGEKVGQGNLYGLPKDLGPFALGYNKTMFEKAGIPLPDKDKPYT
WQEFIDVCKKLTKDTNGDGKLDQWGTGLNATWTLQGFVWSNGADWIDESKTKVTVDDPKFIEALQFFADMQNKYKVTPSI
AEAQTLDTYQRWLRGQLGFFPVGPWDLAAFDQQIKFEYDLIPWPAGSTGKPATWVGSLGIGVSSMTKHPKEAVELALYLS
ADPEGQKALVDQRVQLPNSVKVAEEWAKDPSIKPANKQEFLDIINDYGHSFPTEYTYNGEWYDEFYRNLQPVLDGKMSAE
EYVKKAKPKMQKLLDQAIEQEKQASKK
;
_entity_poly.pdbx_strand_id   A
#
# COMPACT_ATOMS: atom_id res chain seq x y z
N LYS A 12 -10.36 -15.22 -31.31
CA LYS A 12 -10.67 -16.56 -30.88
C LYS A 12 -10.19 -16.91 -29.44
N ILE A 13 -9.19 -16.23 -28.92
CA ILE A 13 -8.71 -16.53 -27.59
C ILE A 13 -9.41 -15.74 -26.51
N GLU A 14 -9.69 -16.40 -25.40
CA GLU A 14 -10.32 -15.75 -24.26
C GLU A 14 -9.49 -15.90 -23.00
N LEU A 15 -9.24 -14.78 -22.32
CA LEU A 15 -8.50 -14.78 -21.06
C LEU A 15 -9.38 -14.17 -19.97
N THR A 16 -9.32 -14.74 -18.77
CA THR A 16 -9.93 -14.09 -17.62
C THR A 16 -8.89 -13.28 -16.84
N PHE A 17 -9.18 -12.01 -16.60
CA PHE A 17 -8.30 -11.12 -15.84
C PHE A 17 -8.97 -10.74 -14.54
N MET A 18 -8.40 -11.18 -13.42
CA MET A 18 -9.01 -10.90 -12.13
C MET A 18 -8.20 -9.84 -11.37
N PHE A 19 -8.87 -8.81 -10.87
CA PHE A 19 -8.15 -7.81 -10.10
C PHE A 19 -9.04 -7.03 -9.14
N ARG A 20 -8.44 -6.06 -8.48
CA ARG A 20 -9.11 -5.27 -7.45
C ARG A 20 -8.76 -3.81 -7.64
N GLY A 21 -9.66 -2.94 -7.21
CA GLY A 21 -9.35 -1.52 -7.23
C GLY A 21 -10.48 -0.68 -6.68
N GLN A 22 -10.15 0.53 -6.27
CA GLN A 22 -11.15 1.57 -6.01
C GLN A 22 -11.80 1.94 -7.35
N PRO A 23 -12.96 2.64 -7.32
CA PRO A 23 -13.64 2.89 -8.61
C PRO A 23 -12.75 3.50 -9.69
N GLN A 24 -11.94 4.50 -9.34
CA GLN A 24 -11.07 5.16 -10.31
CA GLN A 24 -11.09 5.15 -10.33
C GLN A 24 -10.05 4.18 -10.91
N GLU A 25 -9.64 3.19 -10.11
CA GLU A 25 -8.68 2.18 -10.58
C GLU A 25 -9.34 1.17 -11.52
N GLN A 26 -10.59 0.82 -11.22
CA GLN A 26 -11.31 -0.15 -12.04
C GLN A 26 -11.51 0.39 -13.44
N THR A 27 -11.94 1.65 -13.50
CA THR A 27 -12.16 2.33 -14.76
C THR A 27 -10.86 2.40 -15.56
N ALA A 28 -9.77 2.77 -14.90
CA ALA A 28 -8.49 2.93 -15.60
C ALA A 28 -7.96 1.63 -16.18
N TYR A 29 -8.01 0.54 -15.41
CA TYR A 29 -7.53 -0.74 -15.91
C TYR A 29 -8.46 -1.33 -16.96
N LYS A 30 -9.78 -1.14 -16.82
CA LYS A 30 -10.71 -1.56 -17.86
C LYS A 30 -10.39 -0.84 -19.17
N ASN A 31 -10.04 0.43 -19.08
CA ASN A 31 -9.70 1.20 -20.28
C ASN A 31 -8.44 0.67 -20.94
N VAL A 32 -7.44 0.34 -20.13
CA VAL A 32 -6.17 -0.12 -20.68
C VAL A 32 -6.28 -1.56 -21.22
N VAL A 33 -7.10 -2.38 -20.60
CA VAL A 33 -7.43 -3.70 -21.15
C VAL A 33 -8.10 -3.58 -22.54
N LYS A 34 -9.05 -2.66 -22.70
CA LYS A 34 -9.63 -2.40 -24.02
C LYS A 34 -8.56 -2.01 -25.03
N LYS A 35 -7.62 -1.16 -24.62
CA LYS A 35 -6.46 -0.83 -25.47
C LYS A 35 -5.68 -2.08 -25.86
N PHE A 36 -5.49 -2.99 -24.91
CA PHE A 36 -4.83 -4.25 -25.17
C PHE A 36 -5.57 -5.04 -26.22
N GLU A 37 -6.90 -5.11 -26.08
CA GLU A 37 -7.74 -5.85 -27.03
C GLU A 37 -7.73 -5.23 -28.44
N GLU A 38 -7.59 -3.91 -28.52
CA GLU A 38 -7.44 -3.25 -29.81
C GLU A 38 -6.12 -3.63 -30.48
N LYS A 39 -5.07 -3.73 -29.67
CA LYS A 39 -3.75 -4.08 -30.16
C LYS A 39 -3.68 -5.56 -30.51
N HIS A 40 -4.48 -6.37 -29.82
CA HIS A 40 -4.51 -7.82 -30.04
C HIS A 40 -5.94 -8.29 -30.31
N PRO A 41 -6.43 -8.06 -31.54
CA PRO A 41 -7.83 -8.28 -31.93
C PRO A 41 -8.30 -9.74 -31.81
N ASN A 42 -7.37 -10.67 -31.66
CA ASN A 42 -7.70 -12.08 -31.51
C ASN A 42 -7.85 -12.51 -30.05
N VAL A 43 -7.53 -11.61 -29.13
CA VAL A 43 -7.63 -11.92 -27.70
C VAL A 43 -8.75 -11.10 -27.06
N LYS A 44 -9.65 -11.81 -26.37
CA LYS A 44 -10.72 -11.17 -25.64
C LYS A 44 -10.48 -11.37 -24.15
N VAL A 45 -10.64 -10.30 -23.37
CA VAL A 45 -10.36 -10.38 -21.94
C VAL A 45 -11.64 -10.23 -21.13
N ASN A 46 -12.00 -11.31 -20.42
CA ASN A 46 -13.16 -11.30 -19.53
C ASN A 46 -12.74 -10.85 -18.14
N ILE A 47 -13.36 -9.79 -17.63
CA ILE A 47 -12.88 -9.17 -16.41
C ILE A 47 -13.68 -9.58 -15.17
N VAL A 48 -12.94 -9.95 -14.13
CA VAL A 48 -13.51 -10.16 -12.80
C VAL A 48 -12.86 -9.14 -11.89
N VAL A 49 -13.62 -8.13 -11.50
CA VAL A 49 -13.06 -7.06 -10.68
C VAL A 49 -13.84 -6.96 -9.38
N THR A 50 -13.13 -6.62 -8.31
CA THR A 50 -13.75 -6.50 -6.99
C THR A 50 -13.22 -5.27 -6.26
N SER A 51 -13.85 -4.94 -5.13
CA SER A 51 -13.31 -3.93 -4.26
CA SER A 51 -13.34 -3.94 -4.23
C SER A 51 -12.08 -4.48 -3.55
N PRO A 52 -11.19 -3.58 -3.10
CA PRO A 52 -10.00 -4.08 -2.39
C PRO A 52 -10.34 -5.06 -1.27
N ASP A 53 -11.42 -4.78 -0.53
CA ASP A 53 -11.78 -5.57 0.65
C ASP A 53 -12.32 -6.97 0.33
N GLN A 54 -12.94 -7.14 -0.83
CA GLN A 54 -13.50 -8.45 -1.20
C GLN A 54 -12.50 -9.36 -1.91
N TYR A 55 -11.39 -8.79 -2.38
CA TYR A 55 -10.52 -9.49 -3.31
C TYR A 55 -9.89 -10.77 -2.76
N ALA A 56 -9.31 -10.70 -1.56
CA ALA A 56 -8.56 -11.84 -1.03
C ALA A 56 -9.44 -13.07 -0.88
N THR A 57 -10.65 -12.87 -0.40
CA THR A 57 -11.60 -13.97 -0.23
C THR A 57 -11.97 -14.59 -1.57
N LYS A 58 -12.23 -13.75 -2.56
CA LYS A 58 -12.61 -14.24 -3.87
C LYS A 58 -11.48 -14.99 -4.55
N LEU A 59 -10.26 -14.46 -4.45
CA LEU A 59 -9.13 -15.12 -5.09
C LEU A 59 -8.81 -16.44 -4.38
N ARG A 60 -8.94 -16.44 -3.05
CA ARG A 60 -8.69 -17.66 -2.27
CA ARG A 60 -8.71 -17.65 -2.24
C ARG A 60 -9.65 -18.77 -2.66
N ALA A 61 -10.90 -18.39 -2.92
CA ALA A 61 -11.94 -19.32 -3.36
C ALA A 61 -11.62 -19.91 -4.73
N ALA A 62 -11.14 -19.06 -5.64
CA ALA A 62 -10.79 -19.52 -6.98
C ALA A 62 -9.68 -20.55 -6.90
N ILE A 63 -8.65 -20.22 -6.11
CA ILE A 63 -7.50 -21.11 -5.94
C ILE A 63 -7.90 -22.40 -5.23
N ALA A 64 -8.80 -22.32 -4.25
CA ALA A 64 -9.21 -23.50 -3.50
C ALA A 64 -9.90 -24.48 -4.45
N GLY A 65 -10.67 -23.94 -5.39
CA GLY A 65 -11.34 -24.76 -6.38
C GLY A 65 -10.46 -25.13 -7.56
N ARG A 66 -9.22 -24.65 -7.58
CA ARG A 66 -8.33 -24.80 -8.74
C ARG A 66 -9.03 -24.33 -10.02
N LYS A 67 -9.76 -23.24 -9.87
CA LYS A 67 -10.39 -22.53 -10.98
C LYS A 67 -9.74 -21.16 -11.06
N ILE A 68 -8.47 -21.15 -11.49
CA ILE A 68 -7.64 -19.97 -11.38
C ILE A 68 -7.73 -19.07 -12.62
N PRO A 69 -7.98 -17.77 -12.41
CA PRO A 69 -8.01 -16.82 -13.52
C PRO A 69 -6.71 -16.84 -14.30
N ASP A 70 -6.75 -16.62 -15.60
CA ASP A 70 -5.53 -16.62 -16.40
C ASP A 70 -4.52 -15.60 -15.88
N VAL A 71 -5.00 -14.39 -15.61
CA VAL A 71 -4.15 -13.30 -15.14
C VAL A 71 -4.79 -12.68 -13.91
N PHE A 72 -4.01 -12.47 -12.85
CA PHE A 72 -4.59 -11.93 -11.62
C PHE A 72 -3.60 -11.14 -10.74
N TYR A 73 -4.12 -10.15 -10.01
CA TYR A 73 -3.36 -9.52 -8.94
C TYR A 73 -3.07 -10.51 -7.82
N PHE A 74 -1.90 -10.42 -7.21
CA PHE A 74 -1.67 -11.17 -5.98
C PHE A 74 -0.72 -10.43 -5.03
N ASN A 75 -0.77 -10.83 -3.76
CA ASN A 75 0.03 -10.25 -2.68
C ASN A 75 1.44 -10.82 -2.68
N PRO A 76 2.47 -9.95 -2.69
CA PRO A 76 3.85 -10.46 -2.68
C PRO A 76 4.13 -11.45 -1.52
N GLY A 77 3.45 -11.29 -0.40
CA GLY A 77 3.63 -12.22 0.71
C GLY A 77 3.14 -13.64 0.45
N GLU A 78 2.45 -13.85 -0.65
CA GLU A 78 1.92 -15.14 -1.01
C GLU A 78 2.72 -15.85 -2.08
N LEU A 79 3.72 -15.18 -2.58
CA LEU A 79 4.51 -15.71 -3.68
C LEU A 79 5.05 -17.11 -3.40
N ARG A 80 5.68 -17.29 -2.25
CA ARG A 80 6.26 -18.58 -1.94
C ARG A 80 5.20 -19.66 -1.81
N ALA A 81 4.12 -19.35 -1.12
CA ALA A 81 3.01 -20.29 -0.99
C ALA A 81 2.45 -20.64 -2.37
N TYR A 82 2.29 -19.62 -3.23
CA TYR A 82 1.73 -19.84 -4.56
C TYR A 82 2.64 -20.68 -5.44
N VAL A 83 3.95 -20.53 -5.27
CA VAL A 83 4.90 -21.34 -6.03
C VAL A 83 4.85 -22.80 -5.59
N ASN A 84 4.84 -23.04 -4.28
CA ASN A 84 4.76 -24.38 -3.73
C ASN A 84 3.51 -25.12 -4.09
N SER A 85 2.41 -24.39 -4.21
CA SER A 85 1.13 -25.01 -4.55
C SER A 85 0.87 -25.00 -6.05
N ASN A 86 1.87 -24.60 -6.82
CA ASN A 86 1.77 -24.55 -8.28
C ASN A 86 0.56 -23.71 -8.71
N VAL A 87 0.48 -22.49 -8.17
CA VAL A 87 -0.59 -21.57 -8.54
C VAL A 87 -0.09 -20.69 -9.68
N LEU A 88 1.16 -20.26 -9.60
CA LEU A 88 1.72 -19.30 -10.55
C LEU A 88 2.60 -19.96 -11.60
N LEU A 89 2.37 -19.60 -12.86
CA LEU A 89 3.23 -20.07 -13.94
C LEU A 89 4.60 -19.39 -13.89
N ASP A 90 5.66 -20.15 -14.13
CA ASP A 90 6.99 -19.57 -14.32
C ASP A 90 7.01 -18.90 -15.68
N ILE A 91 7.13 -17.57 -15.70
CA ILE A 91 6.97 -16.82 -16.95
C ILE A 91 8.29 -16.29 -17.48
N THR A 92 9.40 -16.74 -16.89
CA THR A 92 10.72 -16.23 -17.24
C THR A 92 10.96 -16.18 -18.75
N LYS A 93 10.69 -17.29 -19.42
CA LYS A 93 11.01 -17.42 -20.83
C LYS A 93 10.09 -16.60 -21.74
N TYR A 94 8.81 -16.48 -21.38
CA TYR A 94 7.90 -15.66 -22.18
C TYR A 94 8.31 -14.20 -22.10
N VAL A 95 8.74 -13.78 -20.91
CA VAL A 95 9.18 -12.41 -20.70
C VAL A 95 10.47 -12.10 -21.47
N GLU A 96 11.43 -13.01 -21.40
CA GLU A 96 12.69 -12.84 -22.13
C GLU A 96 12.50 -12.84 -23.65
N ASN A 97 11.53 -13.61 -24.13
CA ASN A 97 11.30 -13.74 -25.57
C ASN A 97 10.40 -12.66 -26.15
N SER A 98 9.76 -11.89 -25.31
CA SER A 98 8.85 -10.87 -25.76
C SER A 98 9.53 -9.72 -26.50
N LYS A 99 8.78 -9.17 -27.45
CA LYS A 99 9.24 -8.10 -28.32
C LYS A 99 9.51 -6.78 -27.59
N GLY A 100 10.73 -6.31 -27.65
CA GLY A 100 11.15 -5.08 -27.04
C GLY A 100 11.29 -5.00 -25.54
N VAL A 101 10.36 -5.57 -24.83
CA VAL A 101 10.32 -5.52 -23.37
C VAL A 101 11.59 -5.80 -22.65
N ASN A 102 12.03 -4.84 -21.90
CA ASN A 102 13.21 -5.03 -21.15
C ASN A 102 12.78 -4.68 -19.72
N LEU A 103 12.70 -5.65 -18.81
CA LEU A 103 12.38 -5.43 -17.38
C LEU A 103 13.46 -4.72 -16.57
N GLN A 104 14.66 -4.51 -17.11
CA GLN A 104 15.71 -3.69 -16.56
C GLN A 104 15.35 -2.18 -16.56
N ASP A 105 14.38 -1.67 -17.32
CA ASP A 105 13.98 -0.29 -17.17
C ASP A 105 13.06 -0.12 -15.93
N ILE A 106 12.51 -1.22 -15.43
CA ILE A 106 11.58 -1.23 -14.32
C ILE A 106 12.23 -1.28 -12.93
N TRP A 107 11.60 -0.66 -11.94
CA TRP A 107 12.11 -0.71 -10.56
C TRP A 107 12.58 -2.11 -10.17
N GLU A 108 13.85 -2.22 -9.83
CA GLU A 108 14.42 -3.49 -9.40
C GLU A 108 13.71 -4.00 -8.14
N LYS A 109 13.50 -3.11 -7.18
CA LYS A 109 12.71 -3.44 -5.98
C LYS A 109 11.36 -4.07 -6.33
N GLY A 110 10.75 -3.63 -7.43
CA GLY A 110 9.46 -4.18 -7.83
C GLY A 110 9.59 -5.55 -8.47
N VAL A 111 10.44 -5.64 -9.48
CA VAL A 111 10.66 -6.89 -10.21
C VAL A 111 11.07 -8.02 -9.26
N ASN A 112 11.99 -7.74 -8.35
CA ASN A 112 12.53 -8.76 -7.46
C ASN A 112 11.55 -9.35 -6.45
N LYS A 113 10.47 -8.64 -6.15
CA LYS A 113 9.46 -9.20 -5.25
C LYS A 113 8.80 -10.43 -5.85
N TYR A 114 8.90 -10.60 -7.17
CA TYR A 114 8.16 -11.67 -7.82
C TYR A 114 9.12 -12.68 -8.48
N ARG A 115 10.39 -12.63 -8.05
CA ARG A 115 11.39 -13.65 -8.43
C ARG A 115 11.55 -14.66 -7.30
N PHE A 116 11.77 -15.91 -7.65
CA PHE A 116 11.96 -16.98 -6.66
C PHE A 116 12.86 -18.04 -7.28
N ASP A 117 13.99 -18.31 -6.64
CA ASP A 117 15.00 -19.22 -7.19
C ASP A 117 14.84 -20.67 -6.70
N GLY A 118 13.77 -20.93 -5.95
CA GLY A 118 13.53 -22.25 -5.41
C GLY A 118 13.66 -22.30 -3.89
N GLU A 119 14.33 -21.30 -3.32
CA GLU A 119 14.50 -21.26 -1.88
C GLU A 119 14.18 -19.89 -1.30
N LYS A 120 14.61 -18.83 -1.96
CA LYS A 120 14.35 -17.48 -1.46
C LYS A 120 13.84 -16.53 -2.54
N VAL A 121 13.08 -15.53 -2.10
CA VAL A 121 12.54 -14.49 -2.97
C VAL A 121 13.64 -13.50 -3.34
N GLY A 122 13.52 -12.91 -4.51
CA GLY A 122 14.42 -11.88 -4.94
C GLY A 122 15.38 -12.19 -6.05
N GLN A 123 15.42 -13.44 -6.43
CA GLN A 123 16.34 -13.89 -7.44
C GLN A 123 15.77 -15.06 -8.12
N GLY A 124 16.24 -15.28 -9.33
CA GLY A 124 15.80 -16.42 -10.07
C GLY A 124 14.65 -16.23 -11.01
N ASN A 125 13.90 -17.28 -11.18
CA ASN A 125 12.77 -17.29 -12.11
C ASN A 125 11.69 -16.26 -11.78
N LEU A 126 11.07 -15.70 -12.83
CA LEU A 126 9.96 -14.77 -12.67
C LEU A 126 8.66 -15.52 -12.52
N TYR A 127 7.92 -15.22 -11.45
CA TYR A 127 6.61 -15.84 -11.24
C TYR A 127 5.49 -14.79 -11.27
N GLY A 128 5.86 -13.56 -11.58
CA GLY A 128 4.90 -12.49 -11.76
C GLY A 128 5.61 -11.21 -12.15
N LEU A 129 4.83 -10.18 -12.45
CA LEU A 129 5.35 -8.86 -12.77
C LEU A 129 4.75 -7.81 -11.82
N PRO A 130 5.52 -6.76 -11.49
CA PRO A 130 4.96 -5.77 -10.56
C PRO A 130 3.85 -4.95 -11.19
N LYS A 131 2.69 -4.90 -10.54
CA LYS A 131 1.66 -3.93 -10.94
C LYS A 131 2.22 -2.51 -10.81
N ASP A 132 2.83 -2.26 -9.66
CA ASP A 132 3.35 -0.95 -9.31
C ASP A 132 4.23 -1.05 -8.07
N LEU A 133 4.90 0.05 -7.72
CA LEU A 133 5.32 0.26 -6.34
C LEU A 133 4.40 1.33 -5.77
N GLY A 134 3.99 1.16 -4.52
CA GLY A 134 3.05 2.07 -3.91
C GLY A 134 3.54 2.73 -2.63
N PRO A 135 4.42 3.74 -2.77
CA PRO A 135 4.90 4.50 -1.62
C PRO A 135 3.77 5.30 -0.97
N PHE A 136 3.64 5.20 0.35
CA PHE A 136 2.51 5.84 1.04
C PHE A 136 2.99 7.11 1.71
N ALA A 137 2.74 8.25 1.07
CA ALA A 137 3.31 9.52 1.51
C ALA A 137 2.36 10.21 2.47
N LEU A 138 2.85 11.26 3.13
CA LEU A 138 2.01 12.09 3.98
C LEU A 138 1.65 13.37 3.24
N GLY A 139 0.37 13.68 3.17
CA GLY A 139 -0.08 14.91 2.54
C GLY A 139 -0.53 15.91 3.57
N TYR A 140 -0.50 17.19 3.20
CA TYR A 140 -1.09 18.20 4.06
C TYR A 140 -1.92 19.18 3.25
N ASN A 141 -2.90 19.76 3.91
CA ASN A 141 -3.81 20.71 3.33
C ASN A 141 -3.22 22.12 3.41
N LYS A 142 -2.62 22.58 2.31
CA LYS A 142 -1.91 23.85 2.25
C LYS A 142 -2.87 25.06 2.32
N THR A 143 -4.02 24.94 1.67
CA THR A 143 -5.10 25.91 1.83
C THR A 143 -5.41 26.19 3.32
N MET A 144 -5.61 25.12 4.08
CA MET A 144 -5.90 25.22 5.51
C MET A 144 -4.79 25.93 6.30
N PHE A 145 -3.54 25.52 6.07
CA PHE A 145 -2.37 26.15 6.70
C PHE A 145 -2.31 27.65 6.44
N GLU A 146 -2.48 28.02 5.17
CA GLU A 146 -2.33 29.42 4.76
C GLU A 146 -3.47 30.27 5.31
N LYS A 147 -4.68 29.72 5.38
CA LYS A 147 -5.80 30.42 6.00
C LYS A 147 -5.60 30.55 7.53
N ALA A 148 -4.88 29.61 8.15
CA ALA A 148 -4.62 29.68 9.58
C ALA A 148 -3.38 30.52 9.95
N GLY A 149 -2.58 30.90 8.96
CA GLY A 149 -1.34 31.63 9.23
C GLY A 149 -0.25 30.78 9.88
N ILE A 150 -0.33 29.46 9.69
CA ILE A 150 0.66 28.56 10.26
C ILE A 150 1.75 28.31 9.25
N PRO A 151 3.02 28.45 9.65
CA PRO A 151 4.14 28.21 8.73
C PRO A 151 4.04 26.83 8.08
N LEU A 152 4.28 26.73 6.77
CA LEU A 152 4.14 25.46 6.06
C LEU A 152 5.09 24.38 6.58
N PRO A 153 4.69 23.10 6.50
CA PRO A 153 5.63 22.02 6.82
C PRO A 153 6.84 22.03 5.89
N ASP A 154 8.01 21.64 6.39
CA ASP A 154 9.20 21.51 5.55
C ASP A 154 9.10 20.27 4.68
N LYS A 155 9.53 20.40 3.41
CA LYS A 155 9.41 19.30 2.45
C LYS A 155 10.48 18.20 2.66
N ASP A 156 11.47 18.47 3.52
CA ASP A 156 12.57 17.51 3.73
C ASP A 156 12.79 17.09 5.18
N LYS A 157 12.65 18.04 6.10
CA LYS A 157 12.89 17.78 7.51
C LYS A 157 11.60 17.35 8.23
N PRO A 158 11.52 16.08 8.69
CA PRO A 158 10.29 15.66 9.35
C PRO A 158 10.02 16.44 10.63
N TYR A 159 8.75 16.69 10.91
CA TYR A 159 8.32 17.06 12.25
C TYR A 159 8.81 16.01 13.25
N THR A 160 9.13 16.44 14.47
CA THR A 160 9.17 15.50 15.59
C THR A 160 7.73 15.19 15.98
N TRP A 161 7.52 14.14 16.78
CA TRP A 161 6.17 13.80 17.21
C TRP A 161 5.53 14.94 18.00
N GLN A 162 6.31 15.56 18.88
CA GLN A 162 5.81 16.70 19.64
C GLN A 162 5.44 17.87 18.73
N GLU A 163 6.28 18.16 17.75
CA GLU A 163 5.99 19.26 16.82
C GLU A 163 4.73 18.97 16.01
N PHE A 164 4.58 17.70 15.61
CA PHE A 164 3.42 17.27 14.84
C PHE A 164 2.14 17.50 15.64
N ILE A 165 2.15 17.06 16.90
CA ILE A 165 1.00 17.29 17.76
C ILE A 165 0.75 18.78 17.94
N ASP A 166 1.81 19.56 18.11
CA ASP A 166 1.69 21.01 18.28
C ASP A 166 0.95 21.65 17.10
N VAL A 167 1.35 21.31 15.88
CA VAL A 167 0.75 21.96 14.72
C VAL A 167 -0.68 21.42 14.53
N CYS A 168 -0.88 20.14 14.86
CA CYS A 168 -2.20 19.54 14.76
C CYS A 168 -3.20 20.23 15.69
N LYS A 169 -2.76 20.59 16.90
CA LYS A 169 -3.63 21.28 17.84
CA LYS A 169 -3.64 21.27 17.83
C LYS A 169 -4.00 22.65 17.28
N LYS A 170 -3.04 23.32 16.66
CA LYS A 170 -3.30 24.65 16.10
C LYS A 170 -4.32 24.57 14.96
N LEU A 171 -4.37 23.45 14.26
CA LEU A 171 -5.29 23.29 13.11
C LEU A 171 -6.69 22.88 13.54
N THR A 172 -6.82 22.42 14.78
CA THR A 172 -8.08 21.90 15.31
C THR A 172 -8.93 23.03 15.89
N LYS A 173 -10.02 23.35 15.21
CA LYS A 173 -10.76 24.55 15.56
C LYS A 173 -12.17 24.58 15.00
N ASP A 174 -12.94 25.52 15.54
CA ASP A 174 -14.28 25.84 15.08
C ASP A 174 -14.15 26.96 14.07
N THR A 175 -14.14 26.61 12.78
CA THR A 175 -13.87 27.63 11.76
C THR A 175 -15.09 28.49 11.38
N ASN A 176 -16.29 27.92 11.43
CA ASN A 176 -17.48 28.67 11.00
C ASN A 176 -18.21 29.38 12.16
N GLY A 177 -17.69 29.25 13.36
CA GLY A 177 -18.14 30.02 14.49
C GLY A 177 -19.44 29.59 15.14
N ASP A 178 -19.86 28.34 14.92
CA ASP A 178 -21.11 27.87 15.52
C ASP A 178 -20.90 27.23 16.89
N GLY A 179 -19.66 27.30 17.39
CA GLY A 179 -19.33 26.75 18.68
C GLY A 179 -18.82 25.32 18.66
N LYS A 180 -18.87 24.66 17.50
CA LYS A 180 -18.45 23.26 17.38
C LYS A 180 -17.19 23.12 16.54
N LEU A 181 -16.24 22.29 16.98
CA LEU A 181 -15.07 21.96 16.17
C LEU A 181 -15.55 21.41 14.82
N ASP A 182 -14.93 21.87 13.74
CA ASP A 182 -15.35 21.44 12.41
C ASP A 182 -14.13 21.23 11.51
N GLN A 183 -12.94 21.28 12.11
CA GLN A 183 -11.69 21.12 11.39
C GLN A 183 -10.67 20.53 12.35
N TRP A 184 -9.93 19.51 11.90
CA TRP A 184 -9.02 18.81 12.78
C TRP A 184 -7.64 18.65 12.18
N GLY A 185 -6.64 18.46 13.04
CA GLY A 185 -5.27 18.36 12.56
C GLY A 185 -5.14 17.16 11.64
N THR A 186 -5.71 16.03 12.05
CA THR A 186 -5.57 14.84 11.24
C THR A 186 -6.66 13.81 11.61
N GLY A 187 -6.46 12.57 11.19
CA GLY A 187 -7.44 11.51 11.43
C GLY A 187 -6.90 10.24 10.81
N LEU A 188 -5.75 9.80 11.32
CA LEU A 188 -5.03 8.69 10.71
C LEU A 188 -5.66 7.34 10.99
N ASN A 189 -5.75 6.52 9.93
CA ASN A 189 -6.26 5.14 10.01
C ASN A 189 -5.12 4.17 10.37
N ALA A 190 -5.24 3.54 11.54
CA ALA A 190 -4.18 2.69 12.07
C ALA A 190 -3.76 1.56 11.12
N THR A 191 -4.73 1.04 10.37
CA THR A 191 -4.46 -0.08 9.47
C THR A 191 -3.35 0.24 8.49
N TRP A 192 -3.32 1.49 8.04
CA TRP A 192 -2.38 1.91 7.01
C TRP A 192 -1.36 2.95 7.46
N THR A 193 -1.45 3.47 8.68
CA THR A 193 -0.52 4.53 9.07
C THR A 193 0.19 4.32 10.39
N LEU A 194 -0.11 3.23 11.10
CA LEU A 194 0.60 2.91 12.34
C LEU A 194 2.04 2.52 12.08
N GLN A 195 2.28 1.80 10.98
CA GLN A 195 3.61 1.26 10.65
C GLN A 195 4.74 2.29 10.73
N GLY A 196 4.55 3.45 10.10
CA GLY A 196 5.58 4.48 10.10
C GLY A 196 5.97 4.95 11.49
N PHE A 197 4.99 5.08 12.39
CA PHE A 197 5.31 5.54 13.75
C PHE A 197 6.07 4.44 14.50
N VAL A 198 5.68 3.21 14.27
CA VAL A 198 6.36 2.05 14.87
C VAL A 198 7.81 1.98 14.37
N TRP A 199 7.98 2.00 13.05
CA TRP A 199 9.28 1.91 12.43
C TRP A 199 10.18 3.10 12.76
N SER A 200 9.63 4.31 12.73
CA SER A 200 10.44 5.48 13.01
CA SER A 200 10.45 5.49 13.01
C SER A 200 10.84 5.56 14.49
N ASN A 201 10.17 4.77 15.33
CA ASN A 201 10.50 4.72 16.74
C ASN A 201 11.40 3.53 17.09
N GLY A 202 11.94 2.90 16.05
CA GLY A 202 12.91 1.83 16.22
C GLY A 202 12.30 0.49 16.58
N ALA A 203 11.03 0.28 16.23
CA ALA A 203 10.35 -0.97 16.53
C ALA A 203 9.86 -1.69 15.28
N ASP A 204 9.32 -2.90 15.45
CA ASP A 204 8.64 -3.60 14.35
C ASP A 204 7.74 -4.65 14.95
N TRP A 205 6.89 -5.24 14.11
CA TRP A 205 5.98 -6.29 14.54
C TRP A 205 6.73 -7.59 14.83
N ILE A 206 7.81 -7.81 14.09
CA ILE A 206 8.62 -9.01 14.27
C ILE A 206 10.08 -8.63 14.35
N ASP A 207 10.90 -9.57 14.82
CA ASP A 207 12.33 -9.34 14.97
C ASP A 207 13.04 -9.41 13.63
N GLU A 208 14.35 -9.13 13.67
CA GLU A 208 15.21 -9.18 12.50
C GLU A 208 15.10 -10.48 11.71
N SER A 209 15.02 -11.60 12.42
CA SER A 209 15.00 -12.91 11.78
C SER A 209 13.64 -13.25 11.20
N LYS A 210 12.64 -12.42 11.50
CA LYS A 210 11.26 -12.60 11.02
C LYS A 210 10.62 -13.86 11.61
N THR A 211 11.05 -14.28 12.79
CA THR A 211 10.49 -15.49 13.40
C THR A 211 9.90 -15.24 14.79
N LYS A 212 10.19 -14.09 15.38
CA LYS A 212 9.66 -13.78 16.71
C LYS A 212 8.86 -12.49 16.72
N VAL A 213 7.67 -12.53 17.32
CA VAL A 213 6.81 -11.36 17.45
C VAL A 213 7.38 -10.40 18.48
N THR A 214 7.48 -9.13 18.11
CA THR A 214 8.09 -8.13 18.98
C THR A 214 7.19 -6.93 19.26
N VAL A 215 5.88 -7.15 19.33
CA VAL A 215 4.97 -6.03 19.59
C VAL A 215 4.99 -5.62 21.07
N ASP A 216 5.60 -6.44 21.92
CA ASP A 216 5.68 -6.08 23.34
C ASP A 216 6.94 -5.26 23.66
N ASP A 217 7.74 -4.98 22.63
CA ASP A 217 8.85 -4.01 22.71
C ASP A 217 8.31 -2.67 23.25
N PRO A 218 8.94 -2.12 24.30
CA PRO A 218 8.55 -0.81 24.82
C PRO A 218 8.48 0.28 23.74
N LYS A 219 9.32 0.17 22.73
CA LYS A 219 9.30 1.12 21.63
C LYS A 219 8.07 0.95 20.76
N PHE A 220 7.61 -0.29 20.62
CA PHE A 220 6.38 -0.56 19.88
C PHE A 220 5.20 0.00 20.66
N ILE A 221 5.19 -0.27 21.96
CA ILE A 221 4.12 0.19 22.83
C ILE A 221 4.04 1.71 22.83
N GLU A 222 5.19 2.38 22.87
CA GLU A 222 5.22 3.83 22.87
C GLU A 222 4.58 4.36 21.58
N ALA A 223 4.92 3.75 20.46
CA ALA A 223 4.42 4.18 19.17
C ALA A 223 2.91 3.92 19.06
N LEU A 224 2.47 2.74 19.47
CA LEU A 224 1.03 2.45 19.46
C LEU A 224 0.23 3.36 20.41
N GLN A 225 0.78 3.67 21.58
CA GLN A 225 0.08 4.55 22.50
C GLN A 225 0.02 5.96 21.96
N PHE A 226 1.11 6.44 21.38
CA PHE A 226 1.12 7.74 20.76
C PHE A 226 0.05 7.83 19.67
N PHE A 227 -0.04 6.79 18.84
CA PHE A 227 -1.03 6.78 17.78
C PHE A 227 -2.47 6.92 18.31
N ALA A 228 -2.85 6.08 19.27
CA ALA A 228 -4.18 6.15 19.86
C ALA A 228 -4.43 7.49 20.54
N ASP A 229 -3.38 8.00 21.18
CA ASP A 229 -3.46 9.27 21.89
C ASP A 229 -3.82 10.45 20.99
N MET A 230 -3.54 10.37 19.70
CA MET A 230 -3.93 11.46 18.79
C MET A 230 -5.43 11.70 18.91
N GLN A 231 -6.20 10.61 18.93
CA GLN A 231 -7.64 10.73 19.07
C GLN A 231 -8.07 10.99 20.50
N ASN A 232 -7.53 10.23 21.45
CA ASN A 232 -8.10 10.20 22.79
C ASN A 232 -7.55 11.22 23.78
N LYS A 233 -6.28 11.59 23.60
CA LYS A 233 -5.57 12.38 24.60
C LYS A 233 -5.20 13.76 24.05
N TYR A 234 -4.49 13.78 22.93
CA TYR A 234 -4.14 15.07 22.32
C TYR A 234 -5.35 15.69 21.65
N LYS A 235 -6.33 14.86 21.29
CA LYS A 235 -7.58 15.30 20.66
C LYS A 235 -7.37 16.15 19.42
N VAL A 236 -6.56 15.66 18.49
CA VAL A 236 -6.29 16.40 17.26
C VAL A 236 -6.99 15.74 16.06
N THR A 237 -7.96 14.89 16.37
CA THR A 237 -8.76 14.19 15.35
C THR A 237 -10.26 14.41 15.62
N PRO A 238 -11.12 14.09 14.65
CA PRO A 238 -12.54 14.04 15.00
C PRO A 238 -12.76 13.03 16.12
N SER A 239 -13.83 13.23 16.89
CA SER A 239 -14.17 12.31 17.96
C SER A 239 -14.54 10.95 17.39
N ILE A 240 -14.55 9.94 18.26
CA ILE A 240 -15.01 8.60 17.91
C ILE A 240 -16.36 8.66 17.17
N ALA A 241 -17.31 9.41 17.72
CA ALA A 241 -18.64 9.53 17.12
C ALA A 241 -18.59 10.22 15.76
N GLU A 242 -17.78 11.27 15.65
CA GLU A 242 -17.70 12.00 14.40
C GLU A 242 -17.10 11.14 13.29
N ALA A 243 -16.08 10.37 13.64
CA ALA A 243 -15.46 9.47 12.67
C ALA A 243 -16.45 8.37 12.27
N GLN A 244 -17.33 8.01 13.19
CA GLN A 244 -18.34 7.01 12.90
C GLN A 244 -19.38 7.58 11.93
N THR A 245 -19.73 8.83 12.12
CA THR A 245 -20.65 9.54 11.23
C THR A 245 -20.08 9.65 9.81
N LEU A 246 -18.82 10.05 9.71
CA LEU A 246 -18.20 10.22 8.40
C LEU A 246 -16.71 9.94 8.55
N ASP A 247 -16.20 8.94 7.83
CA ASP A 247 -14.83 8.48 8.09
C ASP A 247 -13.82 9.55 7.71
N THR A 248 -12.61 9.44 8.26
CA THR A 248 -11.64 10.51 8.10
C THR A 248 -11.10 10.62 6.66
N TYR A 249 -11.11 9.54 5.88
CA TYR A 249 -10.77 9.65 4.46
C TYR A 249 -11.73 10.64 3.78
N GLN A 250 -13.02 10.48 4.01
CA GLN A 250 -14.01 11.39 3.45
C GLN A 250 -13.87 12.79 4.02
N ARG A 251 -13.53 12.91 5.30
CA ARG A 251 -13.36 14.23 5.89
C ARG A 251 -12.13 14.96 5.29
N TRP A 252 -11.07 14.21 5.00
CA TRP A 252 -9.93 14.75 4.25
C TRP A 252 -10.34 15.29 2.89
N LEU A 253 -11.11 14.52 2.14
CA LEU A 253 -11.57 14.93 0.81
C LEU A 253 -12.37 16.23 0.85
N ARG A 254 -13.15 16.41 1.92
CA ARG A 254 -14.01 17.58 2.05
C ARG A 254 -13.26 18.79 2.64
N GLY A 255 -11.97 18.63 2.91
CA GLY A 255 -11.15 19.74 3.36
C GLY A 255 -11.19 19.98 4.86
N GLN A 256 -11.53 18.96 5.64
CA GLN A 256 -11.67 19.12 7.09
C GLN A 256 -10.40 18.77 7.87
N LEU A 257 -9.41 18.18 7.22
CA LEU A 257 -8.23 17.68 7.92
C LEU A 257 -6.92 18.31 7.41
N GLY A 258 -6.04 18.61 8.37
CA GLY A 258 -4.73 19.17 8.06
C GLY A 258 -3.83 18.18 7.35
N PHE A 259 -3.81 16.93 7.83
CA PHE A 259 -2.88 15.91 7.34
C PHE A 259 -3.62 14.61 7.01
N PHE A 260 -3.19 13.94 5.96
CA PHE A 260 -3.73 12.62 5.61
C PHE A 260 -2.78 12.00 4.61
N PRO A 261 -2.64 10.66 4.64
CA PRO A 261 -1.71 10.03 3.70
C PRO A 261 -2.16 10.11 2.26
N VAL A 262 -1.21 9.98 1.36
CA VAL A 262 -1.49 9.98 -0.07
C VAL A 262 -0.70 8.87 -0.76
N GLY A 263 -1.38 7.97 -1.48
CA GLY A 263 -0.70 7.01 -2.32
C GLY A 263 -0.90 7.39 -3.79
N PRO A 264 -0.06 6.86 -4.69
CA PRO A 264 -0.26 7.27 -6.09
C PRO A 264 -1.60 6.80 -6.66
N TRP A 265 -2.16 5.72 -6.09
CA TRP A 265 -3.46 5.24 -6.53
C TRP A 265 -4.57 6.24 -6.16
N ASP A 266 -4.27 7.20 -5.29
CA ASP A 266 -5.27 8.16 -4.83
C ASP A 266 -5.47 9.32 -5.79
N LEU A 267 -4.50 9.53 -6.68
CA LEU A 267 -4.39 10.80 -7.38
C LEU A 267 -5.61 11.10 -8.26
N ALA A 268 -6.16 10.08 -8.92
CA ALA A 268 -7.34 10.30 -9.76
C ALA A 268 -8.54 10.72 -8.92
N ALA A 269 -8.78 9.98 -7.83
CA ALA A 269 -9.87 10.32 -6.93
C ALA A 269 -9.69 11.72 -6.35
N PHE A 270 -8.46 12.06 -5.98
CA PHE A 270 -8.18 13.37 -5.42
C PHE A 270 -8.38 14.45 -6.50
N ASP A 271 -8.01 14.14 -7.74
CA ASP A 271 -8.22 15.10 -8.84
C ASP A 271 -9.70 15.44 -8.98
N GLN A 272 -10.55 14.45 -8.75
CA GLN A 272 -11.99 14.60 -8.91
C GLN A 272 -12.63 15.33 -7.73
N GLN A 273 -12.15 15.07 -6.52
CA GLN A 273 -12.90 15.45 -5.33
C GLN A 273 -12.25 16.51 -4.45
N ILE A 274 -10.93 16.59 -4.47
CA ILE A 274 -10.25 17.56 -3.63
C ILE A 274 -10.18 18.91 -4.32
N LYS A 275 -10.65 19.95 -3.63
CA LYS A 275 -10.72 21.30 -4.18
C LYS A 275 -9.73 22.21 -3.49
N PHE A 276 -9.12 21.75 -2.40
CA PHE A 276 -8.04 22.50 -1.77
C PHE A 276 -6.68 22.12 -2.36
N GLU A 277 -5.70 22.97 -2.11
CA GLU A 277 -4.30 22.71 -2.46
C GLU A 277 -3.68 21.80 -1.42
N TYR A 278 -2.98 20.78 -1.88
CA TYR A 278 -2.25 19.93 -0.93
C TYR A 278 -0.88 19.56 -1.51
N ASP A 279 0.04 19.14 -0.64
CA ASP A 279 1.37 18.75 -1.07
C ASP A 279 1.85 17.65 -0.15
N LEU A 280 2.99 17.05 -0.50
CA LEU A 280 3.52 15.91 0.22
C LEU A 280 4.74 16.28 1.06
N ILE A 281 4.88 15.62 2.20
CA ILE A 281 6.00 15.84 3.12
C ILE A 281 6.44 14.51 3.72
N PRO A 282 7.64 14.48 4.33
CA PRO A 282 8.01 13.27 5.08
C PRO A 282 7.10 13.05 6.28
N TRP A 283 6.92 11.80 6.69
CA TRP A 283 6.17 11.50 7.91
C TRP A 283 6.95 12.02 9.13
N PRO A 284 6.25 12.42 10.20
CA PRO A 284 6.93 12.81 11.45
C PRO A 284 7.79 11.66 11.97
N ALA A 285 8.93 11.98 12.56
CA ALA A 285 9.91 10.97 12.97
C ALA A 285 9.93 10.81 14.49
N GLY A 286 9.89 9.56 14.93
CA GLY A 286 10.04 9.21 16.33
C GLY A 286 11.50 9.19 16.77
N SER A 287 11.82 8.29 17.67
CA SER A 287 13.13 8.28 18.35
C SER A 287 14.35 8.12 17.43
N THR A 288 14.18 7.54 16.24
CA THR A 288 15.29 7.41 15.29
C THR A 288 15.63 8.73 14.60
N GLY A 289 14.67 9.65 14.55
CA GLY A 289 14.86 10.89 13.83
C GLY A 289 14.77 10.73 12.33
N LYS A 290 14.58 9.49 11.86
CA LYS A 290 14.36 9.22 10.44
C LYS A 290 12.90 8.88 10.16
N PRO A 291 12.30 9.49 9.12
CA PRO A 291 10.92 9.17 8.76
C PRO A 291 10.81 7.75 8.21
N ALA A 292 9.62 7.18 8.33
CA ALA A 292 9.37 5.84 7.82
C ALA A 292 7.92 5.70 7.36
N THR A 293 7.73 4.88 6.34
CA THR A 293 6.41 4.54 5.83
C THR A 293 6.59 3.30 4.99
N TRP A 294 5.51 2.78 4.44
CA TRP A 294 5.62 1.56 3.66
C TRP A 294 5.63 1.86 2.17
N VAL A 295 6.20 0.92 1.42
CA VAL A 295 6.14 0.91 -0.04
C VAL A 295 5.36 -0.32 -0.42
N GLY A 296 4.16 -0.12 -0.95
CA GLY A 296 3.31 -1.27 -1.27
C GLY A 296 3.67 -1.87 -2.61
N SER A 297 3.18 -3.06 -2.88
CA SER A 297 3.23 -3.57 -4.24
C SER A 297 2.19 -4.67 -4.40
N LEU A 298 1.76 -4.87 -5.63
CA LEU A 298 0.91 -6.01 -5.99
C LEU A 298 1.55 -6.69 -7.19
N GLY A 299 1.45 -8.01 -7.25
CA GLY A 299 1.96 -8.73 -8.40
C GLY A 299 0.87 -8.99 -9.43
N ILE A 300 1.28 -9.10 -10.69
CA ILE A 300 0.39 -9.60 -11.74
C ILE A 300 0.92 -10.97 -12.10
N GLY A 301 0.15 -12.02 -11.83
CA GLY A 301 0.62 -13.37 -12.07
C GLY A 301 -0.18 -14.07 -13.15
N VAL A 302 0.35 -15.19 -13.63
CA VAL A 302 -0.34 -15.98 -14.65
C VAL A 302 -0.58 -17.36 -14.08
N SER A 303 -1.80 -17.86 -14.25
CA SER A 303 -2.15 -19.19 -13.78
C SER A 303 -1.23 -20.24 -14.38
N SER A 304 -0.69 -21.08 -13.52
CA SER A 304 0.09 -22.23 -13.95
C SER A 304 -0.75 -23.09 -14.89
N MET A 305 -2.08 -23.04 -14.74
CA MET A 305 -2.97 -23.89 -15.50
C MET A 305 -3.54 -23.23 -16.76
N THR A 306 -3.07 -22.02 -17.12
CA THR A 306 -3.64 -21.31 -18.27
C THR A 306 -3.44 -22.07 -19.58
N LYS A 307 -4.47 -22.06 -20.44
CA LYS A 307 -4.36 -22.69 -21.76
C LYS A 307 -3.65 -21.78 -22.77
N HIS A 308 -3.48 -20.51 -22.41
CA HIS A 308 -2.82 -19.56 -23.29
C HIS A 308 -1.74 -18.75 -22.58
N PRO A 309 -0.63 -19.39 -22.22
CA PRO A 309 0.44 -18.71 -21.47
C PRO A 309 1.03 -17.50 -22.21
N LYS A 310 1.21 -17.64 -23.52
CA LYS A 310 1.80 -16.56 -24.31
C LYS A 310 0.98 -15.28 -24.22
N GLU A 311 -0.32 -15.38 -24.52
CA GLU A 311 -1.21 -14.23 -24.50
C GLU A 311 -1.44 -13.72 -23.07
N ALA A 312 -1.45 -14.62 -22.10
CA ALA A 312 -1.62 -14.21 -20.70
C ALA A 312 -0.44 -13.36 -20.22
N VAL A 313 0.78 -13.76 -20.58
CA VAL A 313 1.98 -12.99 -20.25
C VAL A 313 2.01 -11.66 -21.00
N GLU A 314 1.60 -11.68 -22.27
CA GLU A 314 1.47 -10.45 -23.05
C GLU A 314 0.55 -9.46 -22.35
N LEU A 315 -0.55 -9.95 -21.76
CA LEU A 315 -1.43 -9.05 -21.02
C LEU A 315 -0.74 -8.50 -19.76
N ALA A 316 -0.06 -9.37 -19.02
CA ALA A 316 0.64 -8.93 -17.82
C ALA A 316 1.72 -7.91 -18.17
N LEU A 317 2.44 -8.17 -19.25
CA LEU A 317 3.48 -7.26 -19.71
C LEU A 317 2.91 -5.91 -20.14
N TYR A 318 1.74 -5.95 -20.77
CA TYR A 318 1.10 -4.72 -21.22
C TYR A 318 0.77 -3.81 -20.02
N LEU A 319 0.23 -4.41 -18.96
CA LEU A 319 -0.11 -3.66 -17.76
C LEU A 319 1.11 -3.22 -16.97
N SER A 320 2.13 -4.08 -16.91
CA SER A 320 3.28 -3.85 -16.03
C SER A 320 4.42 -3.07 -16.65
N ALA A 321 4.74 -3.36 -17.91
CA ALA A 321 6.02 -2.91 -18.47
C ALA A 321 5.91 -2.20 -19.84
N ASP A 322 4.87 -2.51 -20.61
CA ASP A 322 4.72 -1.91 -21.93
C ASP A 322 4.56 -0.37 -21.84
N PRO A 323 5.42 0.37 -22.57
CA PRO A 323 5.40 1.84 -22.45
C PRO A 323 4.02 2.45 -22.76
N GLU A 324 3.30 1.85 -23.69
CA GLU A 324 1.96 2.30 -24.05
C GLU A 324 0.92 2.00 -22.97
N GLY A 325 0.94 0.79 -22.42
CA GLY A 325 0.03 0.45 -21.34
C GLY A 325 0.36 1.26 -20.09
N GLN A 326 1.64 1.29 -19.75
CA GLN A 326 2.09 2.10 -18.62
C GLN A 326 1.72 3.59 -18.76
N LYS A 327 1.89 4.16 -19.95
CA LYS A 327 1.62 5.58 -20.15
C LYS A 327 0.15 5.88 -19.88
N ALA A 328 -0.70 4.96 -20.31
CA ALA A 328 -2.14 5.12 -20.15
C ALA A 328 -2.55 5.06 -18.67
N LEU A 329 -1.93 4.17 -17.91
CA LEU A 329 -2.20 4.08 -16.47
C LEU A 329 -1.72 5.34 -15.73
N VAL A 330 -0.51 5.79 -16.05
CA VAL A 330 0.03 6.98 -15.38
C VAL A 330 -0.78 8.22 -15.77
N ASP A 331 -1.13 8.34 -17.04
CA ASP A 331 -2.00 9.45 -17.47
C ASP A 331 -3.33 9.46 -16.73
N GLN A 332 -3.85 8.29 -16.39
CA GLN A 332 -5.15 8.20 -15.71
C GLN A 332 -5.00 8.31 -14.19
N ARG A 333 -3.77 8.61 -13.74
CA ARG A 333 -3.51 9.04 -12.38
C ARG A 333 -3.82 7.98 -11.33
N VAL A 334 -3.52 6.73 -11.63
CA VAL A 334 -3.72 5.67 -10.65
C VAL A 334 -2.41 5.01 -10.25
N GLN A 335 -1.30 5.43 -10.86
CA GLN A 335 -0.01 5.00 -10.33
C GLN A 335 1.16 5.84 -10.84
N LEU A 336 2.32 5.67 -10.22
CA LEU A 336 3.52 6.30 -10.74
C LEU A 336 4.19 5.30 -11.68
N PRO A 337 4.98 5.80 -12.65
CA PRO A 337 5.60 4.95 -13.67
C PRO A 337 6.45 3.81 -13.10
N ASN A 338 6.26 2.60 -13.63
CA ASN A 338 7.13 1.47 -13.30
C ASN A 338 8.54 1.60 -13.84
N SER A 339 8.69 2.38 -14.92
CA SER A 339 10.04 2.64 -15.44
C SER A 339 10.71 3.72 -14.60
N VAL A 340 11.90 3.42 -14.08
CA VAL A 340 12.62 4.35 -13.22
C VAL A 340 12.90 5.70 -13.90
N LYS A 341 13.39 5.67 -15.13
CA LYS A 341 13.75 6.93 -15.81
C LYS A 341 12.50 7.77 -16.06
N VAL A 342 11.42 7.12 -16.45
CA VAL A 342 10.14 7.79 -16.67
C VAL A 342 9.60 8.38 -15.36
N ALA A 343 9.73 7.63 -14.26
CA ALA A 343 9.31 8.13 -12.96
C ALA A 343 10.10 9.37 -12.56
N GLU A 344 11.40 9.35 -12.84
CA GLU A 344 12.26 10.49 -12.51
C GLU A 344 11.85 11.75 -13.29
N GLU A 345 11.58 11.61 -14.58
CA GLU A 345 11.17 12.78 -15.36
C GLU A 345 9.75 13.21 -14.94
N TRP A 346 8.88 12.24 -14.66
CA TRP A 346 7.55 12.50 -14.09
C TRP A 346 7.62 13.35 -12.83
N ALA A 347 8.46 12.94 -11.89
CA ALA A 347 8.54 13.62 -10.58
C ALA A 347 9.00 15.07 -10.73
N LYS A 348 9.77 15.33 -11.78
CA LYS A 348 10.32 16.66 -12.04
C LYS A 348 9.41 17.59 -12.83
N ASP A 349 8.29 17.08 -13.33
CA ASP A 349 7.34 17.88 -14.12
C ASP A 349 6.44 18.69 -13.20
N PRO A 350 6.65 20.02 -13.15
CA PRO A 350 5.91 20.88 -12.21
C PRO A 350 4.43 21.04 -12.58
N SER A 351 4.03 20.72 -13.80
CA SER A 351 2.63 20.90 -14.21
C SER A 351 1.74 19.77 -13.68
N ILE A 352 2.38 18.74 -13.14
CA ILE A 352 1.68 17.60 -12.56
C ILE A 352 1.78 17.69 -11.04
N LYS A 353 0.63 17.79 -10.38
CA LYS A 353 0.58 17.95 -8.93
C LYS A 353 0.46 16.59 -8.22
N PRO A 354 0.79 16.53 -6.91
CA PRO A 354 1.33 17.59 -6.04
C PRO A 354 2.75 18.03 -6.40
N ALA A 355 3.15 19.20 -5.92
CA ALA A 355 4.46 19.77 -6.25
C ALA A 355 5.61 18.84 -5.85
N ASN A 356 5.57 18.35 -4.62
CA ASN A 356 6.61 17.45 -4.13
C ASN A 356 6.31 15.98 -4.44
N LYS A 357 5.94 15.69 -5.69
CA LYS A 357 5.83 14.29 -6.18
C LYS A 357 7.07 13.48 -5.86
N GLN A 358 8.21 14.18 -5.81
CA GLN A 358 9.51 13.57 -5.56
C GLN A 358 9.51 12.77 -4.26
N GLU A 359 8.63 13.13 -3.33
CA GLU A 359 8.56 12.42 -2.06
C GLU A 359 8.28 10.93 -2.29
N PHE A 360 7.48 10.62 -3.31
CA PHE A 360 7.12 9.23 -3.60
C PHE A 360 8.39 8.44 -3.92
N LEU A 361 9.27 9.06 -4.71
CA LEU A 361 10.51 8.42 -5.12
C LEU A 361 11.50 8.30 -3.96
N ASP A 362 11.53 9.32 -3.11
CA ASP A 362 12.36 9.29 -1.91
C ASP A 362 11.92 8.17 -0.96
N ILE A 363 10.62 7.89 -0.92
CA ILE A 363 10.12 6.75 -0.13
C ILE A 363 10.63 5.44 -0.72
N ILE A 364 10.47 5.27 -2.03
CA ILE A 364 10.94 4.06 -2.71
C ILE A 364 12.46 3.87 -2.54
N ASN A 365 13.23 4.92 -2.80
CA ASN A 365 14.69 4.81 -2.76
C ASN A 365 15.31 4.79 -1.37
N ASP A 366 14.73 5.52 -0.42
CA ASP A 366 15.40 5.75 0.84
CA ASP A 366 15.40 5.77 0.85
C ASP A 366 14.64 5.21 2.06
N TYR A 367 13.51 5.80 2.41
CA TYR A 367 12.96 5.48 3.72
C TYR A 367 11.66 4.66 3.80
N GLY A 368 11.24 4.06 2.70
CA GLY A 368 10.10 3.16 2.71
C GLY A 368 10.50 1.74 3.10
N HIS A 369 9.62 1.03 3.80
CA HIS A 369 9.84 -0.36 4.18
C HIS A 369 8.75 -1.26 3.58
N SER A 370 8.97 -2.57 3.63
CA SER A 370 7.94 -3.55 3.28
C SER A 370 7.04 -3.85 4.48
N PHE A 371 5.78 -4.19 4.22
CA PHE A 371 4.95 -4.79 5.26
C PHE A 371 5.63 -6.05 5.79
N PRO A 372 5.52 -6.29 7.09
CA PRO A 372 6.12 -7.43 7.79
C PRO A 372 5.70 -8.77 7.17
N THR A 373 4.47 -8.84 6.68
CA THR A 373 3.96 -10.08 6.11
C THR A 373 4.65 -10.46 4.79
N GLU A 374 5.37 -9.51 4.19
CA GLU A 374 6.11 -9.83 2.97
C GLU A 374 7.23 -10.82 3.28
N TYR A 375 7.65 -10.87 4.53
CA TYR A 375 8.74 -11.76 4.93
C TYR A 375 8.26 -13.10 5.49
N THR A 376 6.97 -13.24 5.70
CA THR A 376 6.47 -14.46 6.33
C THR A 376 5.66 -15.29 5.34
N TYR A 377 5.40 -16.56 5.66
CA TYR A 377 4.83 -17.47 4.69
C TYR A 377 3.33 -17.22 4.49
N ASN A 378 2.66 -16.75 5.54
CA ASN A 378 1.33 -16.17 5.40
C ASN A 378 1.23 -15.03 6.38
N GLY A 379 0.14 -14.26 6.30
CA GLY A 379 0.02 -13.07 7.13
C GLY A 379 -0.93 -13.14 8.31
N GLU A 380 -1.39 -14.34 8.65
CA GLU A 380 -2.41 -14.48 9.70
C GLU A 380 -1.98 -13.92 11.05
N TRP A 381 -0.72 -14.13 11.41
CA TRP A 381 -0.18 -13.63 12.68
C TRP A 381 -0.38 -12.11 12.80
N TYR A 382 -0.24 -11.42 11.67
CA TYR A 382 -0.34 -9.96 11.60
C TYR A 382 -1.79 -9.50 11.58
N ASP A 383 -2.64 -10.23 10.85
CA ASP A 383 -4.07 -9.93 10.84
C ASP A 383 -4.64 -10.02 12.25
N GLU A 384 -4.11 -10.94 13.05
CA GLU A 384 -4.58 -11.10 14.42
C GLU A 384 -4.31 -9.87 15.28
N PHE A 385 -3.14 -9.26 15.11
CA PHE A 385 -2.87 -8.00 15.78
C PHE A 385 -3.96 -6.97 15.50
N TYR A 386 -4.34 -6.80 14.23
CA TYR A 386 -5.31 -5.76 13.89
C TYR A 386 -6.75 -6.13 14.21
N ARG A 387 -7.05 -7.42 14.21
CA ARG A 387 -8.42 -7.88 14.46
C ARG A 387 -9.00 -7.37 15.79
N ASN A 388 -8.18 -7.31 16.83
CA ASN A 388 -8.68 -6.91 18.14
C ASN A 388 -8.10 -5.58 18.63
N LEU A 389 -7.64 -4.75 17.69
CA LEU A 389 -6.93 -3.51 18.04
C LEU A 389 -7.86 -2.38 18.45
N GLN A 390 -9.10 -2.39 17.99
CA GLN A 390 -9.92 -1.18 18.09
C GLN A 390 -10.13 -0.64 19.53
N PRO A 391 -10.26 -1.51 20.55
CA PRO A 391 -10.34 -0.97 21.92
C PRO A 391 -9.14 -0.12 22.34
N VAL A 392 -7.95 -0.43 21.82
CA VAL A 392 -6.78 0.40 22.11
C VAL A 392 -6.98 1.76 21.47
N LEU A 393 -7.35 1.74 20.20
CA LEU A 393 -7.56 2.94 19.40
C LEU A 393 -8.61 3.85 20.01
N ASP A 394 -9.63 3.26 20.62
CA ASP A 394 -10.67 4.08 21.25
C ASP A 394 -10.47 4.29 22.74
N GLY A 395 -9.26 4.00 23.22
CA GLY A 395 -8.85 4.36 24.56
C GLY A 395 -9.50 3.56 25.67
N LYS A 396 -9.98 2.36 25.37
CA LYS A 396 -10.62 1.49 26.37
C LYS A 396 -9.65 0.49 26.97
N MET A 397 -8.49 0.35 26.34
CA MET A 397 -7.46 -0.60 26.73
C MET A 397 -6.13 0.05 26.43
N SER A 398 -5.15 -0.10 27.32
CA SER A 398 -3.84 0.48 27.04
C SER A 398 -3.12 -0.34 25.97
N ALA A 399 -2.19 0.32 25.29
CA ALA A 399 -1.38 -0.36 24.29
C ALA A 399 -0.55 -1.44 24.96
N GLU A 400 -0.07 -1.15 26.17
CA GLU A 400 0.76 -2.11 26.89
C GLU A 400 -0.01 -3.38 27.21
N GLU A 401 -1.25 -3.22 27.66
CA GLU A 401 -2.07 -4.35 28.03
C GLU A 401 -2.49 -5.18 26.80
N TYR A 402 -2.77 -4.50 25.70
CA TYR A 402 -3.16 -5.23 24.50
C TYR A 402 -2.03 -6.05 23.89
N VAL A 403 -0.83 -5.49 23.74
CA VAL A 403 0.21 -6.24 23.03
C VAL A 403 0.65 -7.46 23.83
N LYS A 404 0.51 -7.41 25.16
CA LYS A 404 0.86 -8.57 25.99
C LYS A 404 -0.14 -9.70 25.78
N LYS A 405 -1.39 -9.32 25.56
CA LYS A 405 -2.45 -10.27 25.29
C LYS A 405 -2.32 -10.81 23.85
N ALA A 406 -1.95 -9.93 22.93
CA ALA A 406 -1.96 -10.31 21.51
C ALA A 406 -0.73 -11.14 21.13
N LYS A 407 0.40 -10.88 21.78
CA LYS A 407 1.67 -11.49 21.39
C LYS A 407 1.67 -13.03 21.34
N PRO A 408 1.16 -13.73 22.40
CA PRO A 408 1.16 -15.20 22.26
C PRO A 408 0.26 -15.71 21.13
N LYS A 409 -0.86 -15.03 20.87
CA LYS A 409 -1.76 -15.44 19.80
C LYS A 409 -1.08 -15.28 18.45
N MET A 410 -0.40 -14.16 18.29
CA MET A 410 0.36 -13.87 17.08
C MET A 410 1.51 -14.85 16.90
N GLN A 411 2.23 -15.13 18.00
CA GLN A 411 3.40 -15.99 17.91
C GLN A 411 3.02 -17.40 17.46
N LYS A 412 1.95 -17.94 18.02
CA LYS A 412 1.46 -19.28 17.66
C LYS A 412 1.15 -19.35 16.16
N LEU A 413 0.47 -18.34 15.63
CA LEU A 413 0.21 -18.23 14.19
C LEU A 413 1.48 -18.08 13.33
N LEU A 414 2.43 -17.29 13.81
CA LEU A 414 3.70 -17.16 13.10
C LEU A 414 4.47 -18.48 13.07
N ASP A 415 4.49 -19.17 14.22
CA ASP A 415 5.14 -20.48 14.31
C ASP A 415 4.53 -21.45 13.31
N GLN A 416 3.21 -21.41 13.18
CA GLN A 416 2.51 -22.26 12.23
C GLN A 416 2.80 -21.89 10.77
N ALA A 417 2.94 -20.60 10.49
CA ALA A 417 3.32 -20.16 9.15
C ALA A 417 4.71 -20.69 8.79
N ILE A 418 5.62 -20.63 9.75
CA ILE A 418 6.97 -21.15 9.54
C ILE A 418 6.97 -22.67 9.33
N GLU A 419 6.15 -23.40 10.09
CA GLU A 419 6.06 -24.84 9.91
C GLU A 419 5.48 -25.20 8.53
N GLN A 420 4.58 -24.37 8.01
CA GLN A 420 4.04 -24.56 6.64
C GLN A 420 5.09 -24.40 5.55
N GLU A 421 5.92 -23.42 5.72
CA GLU A 421 7.01 -23.12 4.83
C GLU A 421 7.83 -24.39 4.68
N LYS A 422 8.01 -25.07 5.80
CA LYS A 422 8.77 -26.31 5.84
C LYS A 422 8.02 -27.49 5.19
N GLN A 423 6.78 -27.71 5.59
CA GLN A 423 6.02 -28.85 5.11
CA GLN A 423 6.01 -28.85 5.12
C GLN A 423 5.64 -28.72 3.64
N ALA A 424 4.97 -27.63 3.29
CA ALA A 424 4.52 -27.44 1.92
C ALA A 424 5.67 -27.39 0.89
N SER A 425 6.90 -27.16 1.35
CA SER A 425 8.03 -27.08 0.42
C SER A 425 8.89 -28.34 0.37
N LYS A 426 8.32 -29.48 0.74
CA LYS A 426 9.03 -30.76 0.60
C LYS A 426 9.06 -31.20 -0.86
#